data_2VFV
#
_entry.id   2VFV
#
_cell.length_a   105.561
_cell.length_b   68.455
_cell.length_c   57.965
_cell.angle_alpha   90.00
_cell.angle_beta   95.19
_cell.angle_gamma   90.00
#
_symmetry.space_group_name_H-M   'C 1 2 1'
#
loop_
_entity.id
_entity.type
_entity.pdbx_description
1 polymer 'XYLITOL OXIDASE'
2 non-polymer '(S)-10-((2S,3S,4R)-5-((S)-((S)-(((2R,3S,4R,5R)-5-(6-AMINO-9H-PURIN-9-YL)-3,4-DIHYDROXY-TETRAHYDROFURAN-2-YL)METHOXY)(HYDROXY)PHOSPHORYLOXY)(HYDROXY)PHOSPHORYLOXY)-2,3,4-TRIHYDROXYPENTYL)-7,8-DIMETHYL-2,4-DIOXO-2,3,4,4A-TETRAHYDROBENZO[G]PTERIDINE-5(10H)-SULFONIC ACID'
3 non-polymer 'CHLORIDE ION'
4 water water
#
_entity_poly.entity_id   1
_entity_poly.type   'polypeptide(L)'
_entity_poly.pdbx_seq_one_letter_code
;ISEFMSDITVTNWAGNITYTAKELLRPHSLDALRALVADSARVRVLGSGHSFNEIAEPGDGGVLLSLAGLPSVVDVDTAA
RTVRVGGGVRYAELARVVHARGLALPNMASLPHISVAGSVATGTHGSGVGNGSLASVVREVELVTADGSTVVIARGDERF
GGAVTSLGALGVVTSLTLDLEPAYEMEQHVFTELPLAGLDPATFETVMAAAYSVSLFTDWRAPGFRQVWLKRRTDRPLDG
FPYAAPAAEKMHPVPGMPAVNCTEQFGVPGPWHERLPHFRAEFTPSSGAELQSEYLMPREHALAALHAMDAIRETLAPVL
QTCEIRTVAADAQWLSPAYGRDTVAAHFTWVEDTAAVLPVVRRLEEALVPFAARPHWGKVFTVPAGELRALYPRLADFGA
LAGALDPAGKFTNAFVRGVLAG
;
_entity_poly.pdbx_strand_id   A
#
# COMPACT_ATOMS: atom_id res chain seq x y z
N PHE A 4 -21.10 13.33 26.12
CA PHE A 4 -21.17 13.43 24.63
C PHE A 4 -19.99 14.24 24.07
N MET A 5 -19.74 15.41 24.66
CA MET A 5 -18.79 16.38 24.13
C MET A 5 -17.36 16.21 24.64
N SER A 6 -17.12 15.12 25.36
CA SER A 6 -15.81 14.83 25.91
C SER A 6 -14.80 14.43 24.82
N ASP A 7 -13.53 14.62 25.14
CA ASP A 7 -12.41 14.24 24.28
C ASP A 7 -12.31 12.73 24.08
N ILE A 8 -12.18 12.33 22.81
CA ILE A 8 -11.93 10.93 22.47
C ILE A 8 -10.47 10.83 22.02
N THR A 9 -9.91 9.63 22.12
CA THR A 9 -8.55 9.40 21.64
C THR A 9 -8.67 8.72 20.28
N VAL A 10 -8.01 9.30 19.30
CA VAL A 10 -8.05 8.75 17.94
C VAL A 10 -6.66 8.25 17.64
N THR A 11 -6.56 6.99 17.17
CA THR A 11 -5.27 6.40 16.80
C THR A 11 -5.33 5.85 15.38
N ASN A 12 -4.17 5.44 14.87
CA ASN A 12 -4.15 4.60 13.67
C ASN A 12 -4.57 3.16 14.02
N TRP A 13 -4.57 2.29 13.01
CA TRP A 13 -5.03 0.91 13.19
C TRP A 13 -4.19 0.10 14.19
N ALA A 14 -2.86 0.15 14.04
CA ALA A 14 -1.95 -0.56 14.94
C ALA A 14 -1.84 0.10 16.34
N GLY A 15 -2.32 1.33 16.44
CA GLY A 15 -2.34 2.06 17.72
C GLY A 15 -1.01 2.68 18.17
N ASN A 16 0.05 2.58 17.35
CA ASN A 16 1.34 3.20 17.69
C ASN A 16 1.34 4.70 17.47
N ILE A 17 0.38 5.17 16.67
CA ILE A 17 0.25 6.61 16.44
C ILE A 17 -1.04 7.11 17.09
N THR A 18 -0.87 8.03 18.04
CA THR A 18 -2.00 8.72 18.65
C THR A 18 -2.10 10.14 18.08
N TYR A 19 -3.24 10.45 17.45
CA TYR A 19 -3.36 11.76 16.79
C TYR A 19 -3.65 12.83 17.83
N THR A 20 -3.27 14.07 17.52
CA THR A 20 -3.55 15.19 18.44
C THR A 20 -5.05 15.51 18.47
N ALA A 21 -5.79 15.09 17.45
CA ALA A 21 -7.23 15.40 17.36
C ALA A 21 -7.97 14.81 18.55
N LYS A 22 -8.83 15.64 19.15
CA LYS A 22 -9.69 15.21 20.26
C LYS A 22 -11.07 14.73 19.79
N GLU A 23 -11.28 14.82 18.48
CA GLU A 23 -12.48 14.30 17.84
CA GLU A 23 -12.49 14.29 17.84
C GLU A 23 -12.16 13.96 16.39
N LEU A 24 -12.79 12.92 15.87
CA LEU A 24 -12.72 12.59 14.44
C LEU A 24 -14.00 13.09 13.79
N LEU A 25 -13.88 14.13 12.96
CA LEU A 25 -15.06 14.73 12.35
C LEU A 25 -15.53 13.86 11.20
N ARG A 26 -16.82 13.55 11.21
CA ARG A 26 -17.41 12.66 10.22
C ARG A 26 -18.66 13.32 9.63
N PRO A 27 -18.45 14.31 8.76
CA PRO A 27 -19.57 15.02 8.13
C PRO A 27 -20.55 14.04 7.46
N HIS A 28 -21.85 14.26 7.64
N HIS A 28 -21.84 14.34 7.62
CA HIS A 28 -22.85 13.32 7.10
CA HIS A 28 -22.92 13.46 7.20
C HIS A 28 -23.51 13.80 5.79
C HIS A 28 -23.36 13.70 5.76
N SER A 29 -22.87 14.79 5.15
CA SER A 29 -23.27 15.18 3.80
C SER A 29 -22.09 15.84 3.11
N LEU A 30 -22.13 15.80 1.79
CA LEU A 30 -21.13 16.50 0.99
C LEU A 30 -21.17 18.00 1.29
N ASP A 31 -22.36 18.58 1.42
CA ASP A 31 -22.46 20.00 1.82
C ASP A 31 -21.70 20.30 3.13
N ALA A 32 -21.91 19.47 4.16
CA ALA A 32 -21.20 19.60 5.44
C ALA A 32 -19.70 19.44 5.27
N LEU A 33 -19.29 18.48 4.41
CA LEU A 33 -17.85 18.27 4.20
C LEU A 33 -17.22 19.48 3.55
N ARG A 34 -17.86 20.04 2.51
CA ARG A 34 -17.32 21.21 1.80
C ARG A 34 -17.20 22.37 2.79
N ALA A 35 -18.24 22.55 3.62
CA ALA A 35 -18.23 23.64 4.59
C ALA A 35 -17.14 23.44 5.65
N LEU A 36 -17.03 22.21 6.15
CA LEU A 36 -15.97 21.84 7.11
C LEU A 36 -14.56 22.11 6.55
N VAL A 37 -14.29 21.66 5.33
CA VAL A 37 -12.97 21.92 4.71
C VAL A 37 -12.73 23.46 4.55
N ALA A 38 -13.68 24.16 3.94
CA ALA A 38 -13.56 25.61 3.71
C ALA A 38 -13.30 26.38 4.99
N ASP A 39 -13.95 25.95 6.07
CA ASP A 39 -13.94 26.68 7.35
C ASP A 39 -12.78 26.30 8.27
N SER A 40 -12.04 25.26 7.90
CA SER A 40 -10.91 24.75 8.74
C SER A 40 -9.57 25.25 8.23
N ALA A 41 -8.67 25.67 9.14
CA ALA A 41 -7.38 26.24 8.74
C ALA A 41 -6.42 25.15 8.17
N ARG A 42 -6.41 23.99 8.81
CA ARG A 42 -5.55 22.87 8.40
C ARG A 42 -6.33 21.57 8.52
N VAL A 43 -6.19 20.72 7.52
CA VAL A 43 -7.00 19.50 7.42
C VAL A 43 -6.12 18.30 7.04
N ARG A 44 -6.37 17.16 7.67
CA ARG A 44 -5.93 15.88 7.11
C ARG A 44 -7.08 14.90 7.19
N VAL A 45 -7.04 13.92 6.31
CA VAL A 45 -8.08 12.91 6.24
C VAL A 45 -7.59 11.60 6.87
N LEU A 46 -8.47 10.96 7.63
CA LEU A 46 -8.19 9.63 8.09
C LEU A 46 -9.03 8.65 7.27
N GLY A 47 -8.33 7.65 6.74
CA GLY A 47 -8.92 6.53 6.00
C GLY A 47 -9.16 5.41 7.01
N SER A 48 -8.63 4.24 6.70
CA SER A 48 -8.75 3.09 7.60
C SER A 48 -7.55 2.96 8.59
N GLY A 49 -6.68 3.97 8.61
CA GLY A 49 -5.62 4.05 9.61
C GLY A 49 -4.49 3.03 9.50
N HIS A 50 -4.36 2.39 8.32
CA HIS A 50 -3.32 1.35 8.13
C HIS A 50 -1.99 1.98 7.68
N SER A 51 -1.78 3.24 8.05
CA SER A 51 -0.43 3.81 8.00
C SER A 51 0.18 3.67 9.41
N PHE A 52 1.50 3.78 9.50
CA PHE A 52 2.25 3.50 10.74
C PHE A 52 3.09 4.67 11.22
N ASN A 53 2.82 5.85 10.67
CA ASN A 53 3.62 7.03 10.94
C ASN A 53 2.68 8.23 11.07
N GLU A 54 3.19 9.47 11.00
CA GLU A 54 2.38 10.66 11.25
C GLU A 54 1.77 11.24 9.96
N ILE A 55 1.61 10.40 8.93
CA ILE A 55 1.08 10.94 7.66
C ILE A 55 -0.34 11.57 7.83
N ALA A 56 -1.17 10.99 8.71
CA ALA A 56 -2.55 11.49 8.85
C ALA A 56 -2.67 12.60 9.93
N GLU A 57 -1.56 12.91 10.61
CA GLU A 57 -1.58 13.82 11.79
C GLU A 57 -1.72 15.29 11.32
N PRO A 58 -2.81 16.00 11.71
CA PRO A 58 -2.96 17.38 11.24
C PRO A 58 -2.31 18.47 12.11
N GLY A 59 -1.64 18.07 13.20
CA GLY A 59 -0.96 19.01 14.12
C GLY A 59 -1.99 19.63 15.06
N ASP A 60 -1.50 20.23 16.14
CA ASP A 60 -2.40 20.80 17.14
C ASP A 60 -3.26 21.88 16.50
N GLY A 61 -4.56 21.81 16.75
CA GLY A 61 -5.51 22.74 16.16
C GLY A 61 -5.95 22.35 14.77
N GLY A 62 -5.25 21.37 14.16
CA GLY A 62 -5.64 20.89 12.83
C GLY A 62 -6.86 19.98 12.92
N VAL A 63 -7.65 19.95 11.86
CA VAL A 63 -8.83 19.10 11.80
C VAL A 63 -8.48 17.74 11.19
N LEU A 64 -8.89 16.66 11.89
CA LEU A 64 -8.82 15.32 11.30
C LEU A 64 -10.23 14.89 10.96
N LEU A 65 -10.47 14.70 9.66
CA LEU A 65 -11.81 14.29 9.21
C LEU A 65 -11.79 12.95 8.47
N SER A 66 -12.96 12.31 8.44
CA SER A 66 -13.13 11.01 7.81
C SER A 66 -14.35 11.08 6.88
N LEU A 67 -14.39 10.18 5.91
CA LEU A 67 -15.58 10.04 5.05
C LEU A 67 -16.57 8.99 5.58
N ALA A 68 -16.32 8.46 6.77
CA ALA A 68 -17.11 7.34 7.33
C ALA A 68 -18.60 7.68 7.58
N GLY A 69 -18.90 8.98 7.67
CA GLY A 69 -20.27 9.47 7.84
C GLY A 69 -21.06 9.65 6.57
N LEU A 70 -20.36 9.57 5.42
CA LEU A 70 -21.02 9.64 4.09
C LEU A 70 -21.35 8.25 3.54
N PRO A 71 -22.46 8.12 2.74
CA PRO A 71 -22.76 6.83 2.12
C PRO A 71 -21.57 6.31 1.30
N SER A 72 -21.29 5.01 1.41
CA SER A 72 -20.17 4.39 0.66
C SER A 72 -20.73 3.74 -0.61
N VAL A 73 -20.46 4.37 -1.76
CA VAL A 73 -21.09 3.98 -3.02
C VAL A 73 -20.08 3.30 -3.94
N VAL A 74 -20.51 2.24 -4.61
CA VAL A 74 -19.62 1.51 -5.52
C VAL A 74 -20.42 1.31 -6.81
N ASP A 75 -20.09 2.11 -7.82
CA ASP A 75 -20.97 2.27 -8.98
C ASP A 75 -20.28 1.76 -10.25
N VAL A 76 -20.64 0.54 -10.63
CA VAL A 76 -20.02 -0.14 -11.75
C VAL A 76 -20.74 0.20 -13.05
N ASP A 77 -19.96 0.57 -14.05
CA ASP A 77 -20.45 0.76 -15.40
C ASP A 77 -19.87 -0.42 -16.17
N THR A 78 -20.72 -1.41 -16.42
CA THR A 78 -20.26 -2.67 -17.00
C THR A 78 -19.71 -2.50 -18.41
N ALA A 79 -20.41 -1.70 -19.23
CA ALA A 79 -20.04 -1.48 -20.62
C ALA A 79 -18.71 -0.73 -20.72
N ALA A 80 -18.51 0.26 -19.86
CA ALA A 80 -17.28 1.05 -19.85
C ALA A 80 -16.16 0.33 -19.12
N ARG A 81 -16.52 -0.73 -18.40
CA ARG A 81 -15.55 -1.44 -17.52
C ARG A 81 -14.88 -0.48 -16.52
N THR A 82 -15.71 0.32 -15.87
CA THR A 82 -15.24 1.21 -14.83
C THR A 82 -16.05 1.04 -13.55
N VAL A 83 -15.46 1.49 -12.46
CA VAL A 83 -16.19 1.60 -11.22
C VAL A 83 -15.86 2.93 -10.55
N ARG A 84 -16.89 3.70 -10.18
CA ARG A 84 -16.73 4.94 -9.39
C ARG A 84 -17.00 4.59 -7.93
N VAL A 85 -16.03 4.87 -7.07
CA VAL A 85 -16.09 4.42 -5.69
C VAL A 85 -15.80 5.60 -4.74
N GLY A 86 -16.49 5.64 -3.60
CA GLY A 86 -16.21 6.68 -2.60
C GLY A 86 -14.80 6.45 -2.04
N GLY A 87 -14.14 7.53 -1.61
CA GLY A 87 -12.76 7.38 -1.13
C GLY A 87 -12.63 6.58 0.16
N GLY A 88 -13.74 6.47 0.89
CA GLY A 88 -13.79 5.69 2.13
C GLY A 88 -14.15 4.23 1.96
N VAL A 89 -14.61 3.87 0.77
CA VAL A 89 -14.90 2.45 0.47
C VAL A 89 -13.62 1.62 0.64
N ARG A 90 -13.76 0.45 1.25
CA ARG A 90 -12.61 -0.45 1.39
C ARG A 90 -12.54 -1.49 0.27
N TYR A 91 -11.36 -2.05 0.02
CA TYR A 91 -11.21 -2.96 -1.13
C TYR A 91 -12.07 -4.22 -1.04
N ALA A 92 -12.34 -4.72 0.18
CA ALA A 92 -13.22 -5.90 0.34
C ALA A 92 -14.55 -5.68 -0.38
N GLU A 93 -15.17 -4.55 -0.09
CA GLU A 93 -16.50 -4.25 -0.66
C GLU A 93 -16.40 -3.93 -2.16
N LEU A 94 -15.42 -3.12 -2.53
CA LEU A 94 -15.17 -2.83 -3.93
C LEU A 94 -15.10 -4.14 -4.73
N ALA A 95 -14.30 -5.08 -4.23
CA ALA A 95 -14.05 -6.35 -4.95
C ALA A 95 -15.32 -7.19 -5.09
N ARG A 96 -16.07 -7.31 -3.98
CA ARG A 96 -17.36 -8.04 -3.93
C ARG A 96 -18.31 -7.52 -5.01
N VAL A 97 -18.47 -6.20 -5.04
CA VAL A 97 -19.41 -5.59 -5.99
C VAL A 97 -18.96 -5.75 -7.45
N VAL A 98 -17.69 -5.44 -7.76
CA VAL A 98 -17.27 -5.61 -9.17
C VAL A 98 -17.31 -7.09 -9.59
N HIS A 99 -16.96 -8.01 -8.68
CA HIS A 99 -16.99 -9.42 -9.02
C HIS A 99 -18.42 -9.88 -9.42
N ALA A 100 -19.39 -9.40 -8.67
CA ALA A 100 -20.81 -9.69 -8.98
C ALA A 100 -21.25 -9.20 -10.36
N ARG A 101 -20.53 -8.21 -10.89
CA ARG A 101 -20.80 -7.67 -12.25
C ARG A 101 -19.96 -8.33 -13.34
N GLY A 102 -19.18 -9.35 -12.97
CA GLY A 102 -18.34 -10.10 -13.91
C GLY A 102 -17.02 -9.41 -14.20
N LEU A 103 -16.62 -8.48 -13.32
CA LEU A 103 -15.41 -7.71 -13.53
C LEU A 103 -14.45 -7.83 -12.35
N ALA A 104 -13.27 -7.23 -12.50
CA ALA A 104 -12.16 -7.48 -11.59
C ALA A 104 -11.10 -6.39 -11.68
N LEU A 105 -10.32 -6.28 -10.60
CA LEU A 105 -9.11 -5.46 -10.57
C LEU A 105 -7.92 -6.35 -10.96
N PRO A 106 -6.85 -5.72 -11.54
CA PRO A 106 -5.63 -6.46 -11.84
C PRO A 106 -4.77 -6.80 -10.62
N ASN A 107 -5.00 -6.13 -9.49
CA ASN A 107 -4.25 -6.49 -8.29
C ASN A 107 -4.97 -6.03 -7.02
N MET A 108 -4.54 -6.58 -5.90
CA MET A 108 -5.00 -6.12 -4.59
C MET A 108 -3.81 -6.15 -3.64
N ALA A 109 -3.91 -5.40 -2.54
CA ALA A 109 -2.90 -5.48 -1.47
C ALA A 109 -3.08 -6.79 -0.69
N SER A 110 -2.28 -6.96 0.35
CA SER A 110 -2.28 -8.21 1.11
C SER A 110 -3.57 -8.44 1.94
N LEU A 111 -4.21 -7.35 2.36
CA LEU A 111 -5.36 -7.41 3.28
C LEU A 111 -6.40 -6.44 2.73
N PRO A 112 -7.64 -6.94 2.50
CA PRO A 112 -8.65 -6.17 1.75
C PRO A 112 -9.34 -5.03 2.53
N HIS A 113 -9.19 -4.99 3.84
CA HIS A 113 -9.94 -4.03 4.67
C HIS A 113 -9.27 -2.67 4.85
N ILE A 114 -8.94 -2.03 3.72
CA ILE A 114 -8.20 -0.78 3.67
C ILE A 114 -8.85 0.14 2.62
N SER A 115 -8.93 1.42 2.92
CA SER A 115 -9.73 2.34 2.07
C SER A 115 -9.05 2.51 0.73
N VAL A 116 -9.83 2.79 -0.30
CA VAL A 116 -9.28 2.95 -1.64
C VAL A 116 -8.43 4.24 -1.71
N ALA A 117 -9.00 5.36 -1.29
CA ALA A 117 -8.25 6.62 -1.34
C ALA A 117 -6.99 6.56 -0.49
N GLY A 118 -7.08 6.00 0.72
CA GLY A 118 -5.93 5.93 1.61
C GLY A 118 -4.84 5.05 1.02
N SER A 119 -5.25 3.95 0.39
CA SER A 119 -4.31 3.03 -0.25
C SER A 119 -3.53 3.71 -1.38
N VAL A 120 -4.23 4.34 -2.30
CA VAL A 120 -3.55 4.90 -3.46
C VAL A 120 -2.72 6.16 -3.11
N ALA A 121 -3.05 6.80 -1.99
CA ALA A 121 -2.39 8.02 -1.51
C ALA A 121 -0.91 7.77 -1.22
N THR A 122 -0.55 6.53 -0.89
CA THR A 122 0.79 6.26 -0.36
C THR A 122 1.62 5.36 -1.26
N GLY A 123 1.04 4.84 -2.34
CA GLY A 123 1.82 3.94 -3.25
C GLY A 123 1.57 2.45 -2.97
N THR A 124 0.43 2.14 -2.37
CA THR A 124 0.07 0.74 -2.02
C THR A 124 0.09 -0.14 -3.28
N HIS A 125 0.54 -1.37 -3.12
CA HIS A 125 0.74 -2.27 -4.26
C HIS A 125 0.57 -3.71 -3.76
N GLY A 126 0.42 -4.64 -4.70
CA GLY A 126 0.55 -6.07 -4.40
C GLY A 126 1.86 -6.53 -5.03
N SER A 127 1.84 -7.70 -5.67
CA SER A 127 3.03 -8.22 -6.36
C SER A 127 2.74 -8.60 -7.82
N GLY A 128 3.82 -8.87 -8.57
CA GLY A 128 3.71 -9.32 -9.97
C GLY A 128 4.50 -8.39 -10.87
N VAL A 129 5.37 -8.99 -11.68
CA VAL A 129 6.32 -8.20 -12.45
C VAL A 129 5.61 -7.32 -13.48
N GLY A 130 4.44 -7.74 -13.94
CA GLY A 130 3.68 -6.94 -14.91
C GLY A 130 2.52 -6.15 -14.29
N ASN A 131 2.42 -6.19 -12.96
CA ASN A 131 1.31 -5.54 -12.24
C ASN A 131 1.70 -4.19 -11.68
N GLY A 132 0.99 -3.16 -12.11
CA GLY A 132 1.19 -1.84 -11.57
C GLY A 132 0.66 -1.69 -10.14
N SER A 133 0.95 -0.55 -9.51
CA SER A 133 0.46 -0.26 -8.16
C SER A 133 -1.08 -0.18 -8.14
N LEU A 134 -1.66 -0.13 -6.94
CA LEU A 134 -3.11 0.05 -6.87
C LEU A 134 -3.55 1.36 -7.54
N ALA A 135 -2.73 2.42 -7.40
CA ALA A 135 -3.07 3.71 -8.04
C ALA A 135 -3.15 3.66 -9.57
N SER A 136 -2.40 2.72 -10.17
CA SER A 136 -2.26 2.68 -11.63
C SER A 136 -3.55 2.43 -12.41
N VAL A 137 -4.57 1.88 -11.77
CA VAL A 137 -5.85 1.64 -12.45
C VAL A 137 -6.84 2.78 -12.30
N VAL A 138 -6.50 3.78 -11.48
CA VAL A 138 -7.36 4.96 -11.31
C VAL A 138 -7.31 5.83 -12.58
N ARG A 139 -8.47 6.17 -13.12
CA ARG A 139 -8.54 7.03 -14.33
C ARG A 139 -9.07 8.43 -14.03
N GLU A 140 -9.64 8.62 -12.85
CA GLU A 140 -10.13 9.95 -12.45
C GLU A 140 -10.21 10.06 -10.94
N VAL A 141 -9.95 11.26 -10.44
CA VAL A 141 -10.16 11.55 -9.02
C VAL A 141 -11.05 12.79 -8.85
N GLU A 142 -11.85 12.82 -7.80
CA GLU A 142 -12.69 13.97 -7.51
C GLU A 142 -12.23 14.52 -6.17
N LEU A 143 -11.73 15.76 -6.18
CA LEU A 143 -11.16 16.40 -4.97
C LEU A 143 -12.04 17.53 -4.45
N VAL A 144 -12.33 17.52 -3.14
CA VAL A 144 -12.86 18.71 -2.48
C VAL A 144 -11.62 19.50 -2.02
N THR A 145 -11.43 20.68 -2.60
CA THR A 145 -10.19 21.46 -2.41
C THR A 145 -10.33 22.40 -1.23
N ALA A 146 -9.28 23.19 -0.96
CA ALA A 146 -9.19 23.97 0.28
C ALA A 146 -10.36 24.95 0.49
N ASP A 147 -10.94 25.44 -0.60
CA ASP A 147 -12.06 26.41 -0.45
C ASP A 147 -13.43 25.71 -0.49
N GLY A 148 -13.39 24.38 -0.52
CA GLY A 148 -14.61 23.59 -0.50
C GLY A 148 -15.12 23.19 -1.87
N SER A 149 -14.52 23.73 -2.92
CA SER A 149 -15.00 23.46 -4.26
C SER A 149 -14.39 22.17 -4.81
N THR A 150 -15.09 21.56 -5.76
CA THR A 150 -14.59 20.33 -6.38
C THR A 150 -13.69 20.61 -7.58
N VAL A 151 -12.59 19.87 -7.65
CA VAL A 151 -11.76 19.80 -8.86
C VAL A 151 -11.69 18.32 -9.26
N VAL A 152 -11.96 18.06 -10.55
CA VAL A 152 -11.92 16.69 -11.09
C VAL A 152 -10.71 16.61 -12.02
N ILE A 153 -9.89 15.58 -11.83
CA ILE A 153 -8.68 15.43 -12.63
C ILE A 153 -8.68 14.02 -13.19
N ALA A 154 -8.58 13.91 -14.50
CA ALA A 154 -8.68 12.63 -15.21
C ALA A 154 -7.40 12.30 -15.95
N ARG A 155 -7.21 11.02 -16.26
CA ARG A 155 -6.07 10.56 -17.04
C ARG A 155 -6.06 11.32 -18.35
N GLY A 156 -4.87 11.77 -18.75
CA GLY A 156 -4.75 12.61 -19.95
C GLY A 156 -4.52 14.07 -19.60
N ASP A 157 -5.03 14.50 -18.45
CA ASP A 157 -4.72 15.82 -17.89
C ASP A 157 -3.23 15.86 -17.52
N GLU A 158 -2.55 16.94 -17.89
CA GLU A 158 -1.13 17.11 -17.55
C GLU A 158 -0.84 16.97 -16.03
N ARG A 159 -1.85 17.24 -15.21
CA ARG A 159 -1.73 17.18 -13.74
C ARG A 159 -1.93 15.78 -13.19
N PHE A 160 -2.43 14.86 -14.01
CA PHE A 160 -2.92 13.59 -13.46
C PHE A 160 -1.83 12.77 -12.76
N GLY A 161 -0.59 12.86 -13.27
CA GLY A 161 0.58 12.17 -12.69
C GLY A 161 0.81 12.48 -11.22
N GLY A 162 0.31 13.63 -10.75
CA GLY A 162 0.45 13.98 -9.32
C GLY A 162 -0.84 13.85 -8.52
N ALA A 163 -1.91 13.37 -9.15
CA ALA A 163 -3.27 13.53 -8.60
C ALA A 163 -3.79 12.32 -7.83
N VAL A 164 -3.18 11.15 -8.04
CA VAL A 164 -3.69 9.93 -7.41
C VAL A 164 -2.89 9.58 -6.15
N THR A 165 -1.59 9.39 -6.30
CA THR A 165 -0.73 9.15 -5.16
C THR A 165 -0.18 10.52 -4.70
N SER A 166 -0.98 11.20 -3.86
CA SER A 166 -0.68 12.62 -3.51
C SER A 166 -0.43 12.85 -2.03
N LEU A 167 -0.34 11.77 -1.23
CA LEU A 167 -0.16 11.87 0.21
C LEU A 167 -1.30 12.72 0.80
N GLY A 168 -2.46 12.75 0.13
CA GLY A 168 -3.60 13.54 0.59
C GLY A 168 -3.37 15.06 0.54
N ALA A 169 -2.33 15.51 -0.17
CA ALA A 169 -1.92 16.91 -0.09
C ALA A 169 -2.64 17.85 -1.05
N LEU A 170 -3.60 17.33 -1.84
CA LEU A 170 -4.29 18.20 -2.80
C LEU A 170 -5.70 18.53 -2.37
N GLY A 171 -6.20 17.81 -1.37
CA GLY A 171 -7.59 17.92 -0.95
C GLY A 171 -8.18 16.57 -0.56
N VAL A 172 -9.49 16.56 -0.34
CA VAL A 172 -10.20 15.35 0.09
C VAL A 172 -10.68 14.64 -1.16
N VAL A 173 -10.21 13.40 -1.36
CA VAL A 173 -10.65 12.59 -2.51
C VAL A 173 -12.00 11.98 -2.12
N THR A 174 -13.07 12.52 -2.69
CA THR A 174 -14.41 12.03 -2.32
C THR A 174 -14.80 10.80 -3.11
N SER A 175 -14.36 10.75 -4.37
CA SER A 175 -14.55 9.57 -5.22
C SER A 175 -13.38 9.40 -6.16
N LEU A 176 -13.23 8.17 -6.65
CA LEU A 176 -12.25 7.85 -7.68
C LEU A 176 -12.94 6.89 -8.61
N THR A 177 -12.49 6.91 -9.86
CA THR A 177 -12.99 5.97 -10.85
C THR A 177 -11.83 5.10 -11.30
N LEU A 178 -12.07 3.79 -11.32
CA LEU A 178 -11.02 2.80 -11.64
C LEU A 178 -11.42 1.98 -12.87
N ASP A 179 -10.42 1.57 -13.64
CA ASP A 179 -10.63 0.66 -14.79
C ASP A 179 -10.58 -0.80 -14.33
N LEU A 180 -11.36 -1.61 -15.01
CA LEU A 180 -11.60 -3.00 -14.63
C LEU A 180 -11.36 -3.91 -15.84
N GLU A 181 -11.17 -5.19 -15.56
CA GLU A 181 -11.04 -6.22 -16.61
C GLU A 181 -12.03 -7.34 -16.30
N PRO A 182 -12.22 -8.29 -17.25
CA PRO A 182 -13.15 -9.37 -16.90
C PRO A 182 -12.72 -10.18 -15.69
N ALA A 183 -13.69 -10.61 -14.89
CA ALA A 183 -13.41 -11.48 -13.75
C ALA A 183 -12.59 -12.73 -14.19
N TYR A 184 -11.66 -13.12 -13.35
CA TYR A 184 -10.75 -14.22 -13.65
C TYR A 184 -10.51 -15.05 -12.41
N GLU A 185 -10.17 -16.33 -12.65
CA GLU A 185 -9.95 -17.35 -11.64
CA GLU A 185 -9.95 -17.23 -11.55
C GLU A 185 -8.44 -17.47 -11.34
N MET A 186 -8.10 -17.85 -10.12
CA MET A 186 -6.70 -18.00 -9.71
C MET A 186 -6.49 -19.22 -8.83
N GLU A 187 -5.24 -19.70 -8.80
CA GLU A 187 -4.84 -20.74 -7.86
C GLU A 187 -3.65 -20.20 -7.07
N GLN A 188 -3.62 -20.51 -5.77
CA GLN A 188 -2.52 -20.10 -4.90
C GLN A 188 -1.72 -21.33 -4.39
N HIS A 189 -0.47 -21.41 -4.83
CA HIS A 189 0.43 -22.54 -4.55
C HIS A 189 1.56 -22.02 -3.67
N VAL A 190 1.78 -22.62 -2.50
CA VAL A 190 2.84 -22.18 -1.58
C VAL A 190 3.95 -23.24 -1.50
N PHE A 191 5.17 -22.76 -1.31
CA PHE A 191 6.37 -23.61 -1.30
C PHE A 191 7.21 -23.17 -0.11
N THR A 192 8.04 -24.07 0.39
CA THR A 192 8.92 -23.75 1.52
C THR A 192 10.38 -23.97 1.13
N GLU A 193 11.24 -23.09 1.68
CA GLU A 193 12.70 -23.17 1.59
C GLU A 193 13.24 -22.93 0.17
N LEU A 194 13.39 -21.65 -0.17
CA LEU A 194 14.07 -21.24 -1.38
C LEU A 194 15.43 -20.66 -0.95
N PRO A 195 16.53 -21.35 -1.28
CA PRO A 195 17.84 -20.79 -0.89
C PRO A 195 18.15 -19.46 -1.59
N LEU A 196 18.86 -18.58 -0.88
CA LEU A 196 19.44 -17.41 -1.54
C LEU A 196 20.70 -17.87 -2.29
N ALA A 197 21.41 -18.86 -1.74
CA ALA A 197 22.57 -19.43 -2.43
C ALA A 197 22.12 -20.04 -3.75
N GLY A 198 22.75 -19.60 -4.85
CA GLY A 198 22.42 -20.08 -6.20
C GLY A 198 21.22 -19.38 -6.83
N LEU A 199 20.65 -18.42 -6.10
CA LEU A 199 19.56 -17.60 -6.65
C LEU A 199 20.26 -16.54 -7.48
N ASP A 200 20.57 -16.92 -8.70
CA ASP A 200 21.32 -16.07 -9.61
C ASP A 200 20.35 -15.21 -10.42
N PRO A 201 20.87 -14.27 -11.23
CA PRO A 201 19.94 -13.36 -11.94
C PRO A 201 18.83 -14.10 -12.71
N ALA A 202 19.18 -15.13 -13.47
CA ALA A 202 18.17 -15.87 -14.26
C ALA A 202 17.17 -16.56 -13.36
N THR A 203 17.64 -17.20 -12.28
CA THR A 203 16.74 -17.96 -11.39
C THR A 203 15.81 -16.99 -10.64
N PHE A 204 16.39 -15.89 -10.18
CA PHE A 204 15.58 -14.88 -9.49
C PHE A 204 14.44 -14.39 -10.41
N GLU A 205 14.80 -14.03 -11.65
CA GLU A 205 13.80 -13.56 -12.64
C GLU A 205 12.71 -14.62 -12.85
N THR A 206 13.13 -15.87 -13.06
CA THR A 206 12.21 -16.99 -13.25
C THR A 206 11.28 -17.16 -12.07
N VAL A 207 11.84 -17.11 -10.87
CA VAL A 207 11.03 -17.29 -9.68
C VAL A 207 9.95 -16.18 -9.56
N MET A 208 10.38 -14.93 -9.71
CA MET A 208 9.47 -13.80 -9.45
C MET A 208 8.42 -13.67 -10.54
N ALA A 209 8.71 -14.25 -11.71
CA ALA A 209 7.80 -14.25 -12.87
C ALA A 209 7.02 -15.57 -13.04
N ALA A 210 7.18 -16.49 -12.08
CA ALA A 210 6.63 -17.85 -12.21
C ALA A 210 5.08 -17.88 -12.14
N ALA A 211 4.48 -16.82 -11.62
CA ALA A 211 3.02 -16.68 -11.66
C ALA A 211 2.70 -15.18 -11.73
N TYR A 212 1.43 -14.90 -11.92
CA TYR A 212 0.93 -13.55 -12.06
C TYR A 212 1.39 -12.67 -10.91
N SER A 213 1.27 -13.19 -9.68
CA SER A 213 1.81 -12.48 -8.52
C SER A 213 2.63 -13.46 -7.69
N VAL A 214 3.90 -13.10 -7.42
CA VAL A 214 4.80 -13.94 -6.60
C VAL A 214 5.41 -13.14 -5.45
N SER A 215 5.35 -13.72 -4.25
CA SER A 215 6.03 -13.16 -3.07
C SER A 215 7.04 -14.16 -2.50
N LEU A 216 8.15 -13.64 -1.98
CA LEU A 216 9.05 -14.45 -1.11
C LEU A 216 8.82 -13.98 0.34
N PHE A 217 8.89 -14.92 1.30
CA PHE A 217 8.91 -14.55 2.72
C PHE A 217 10.16 -15.12 3.37
N THR A 218 10.72 -14.34 4.26
CA THR A 218 11.79 -14.85 5.12
C THR A 218 11.77 -14.26 6.54
N ASP A 219 12.41 -14.99 7.45
CA ASP A 219 12.63 -14.54 8.83
C ASP A 219 14.05 -13.96 9.02
N TRP A 220 14.89 -14.00 7.96
CA TRP A 220 16.28 -13.52 8.06
C TRP A 220 17.05 -14.24 9.20
N ARG A 221 16.65 -15.49 9.48
CA ARG A 221 17.35 -16.33 10.45
CA ARG A 221 17.33 -16.34 10.45
C ARG A 221 18.26 -17.29 9.68
N ALA A 222 17.81 -18.51 9.37
CA ALA A 222 18.65 -19.37 8.52
C ALA A 222 18.83 -18.67 7.15
N PRO A 223 19.97 -18.87 6.50
CA PRO A 223 20.12 -18.30 5.15
C PRO A 223 18.96 -18.66 4.21
N GLY A 224 18.61 -17.72 3.35
CA GLY A 224 17.62 -17.93 2.30
C GLY A 224 16.21 -17.54 2.73
N PHE A 225 15.24 -18.07 1.99
CA PHE A 225 13.80 -17.73 2.16
C PHE A 225 12.99 -18.90 2.70
N ARG A 226 12.08 -18.59 3.61
CA ARG A 226 11.26 -19.59 4.26
C ARG A 226 10.08 -20.00 3.37
N GLN A 227 9.53 -19.06 2.61
CA GLN A 227 8.34 -19.37 1.80
C GLN A 227 8.36 -18.70 0.46
N VAL A 228 7.66 -19.32 -0.50
CA VAL A 228 7.39 -18.69 -1.77
C VAL A 228 5.89 -18.88 -2.05
N TRP A 229 5.18 -17.77 -2.32
CA TRP A 229 3.74 -17.83 -2.65
C TRP A 229 3.55 -17.49 -4.12
N LEU A 230 2.93 -18.40 -4.87
CA LEU A 230 2.60 -18.21 -6.28
C LEU A 230 1.10 -18.02 -6.40
N LYS A 231 0.68 -16.86 -6.88
CA LYS A 231 -0.74 -16.64 -7.15
C LYS A 231 -0.86 -16.65 -8.67
N ARG A 232 -1.35 -17.78 -9.20
CA ARG A 232 -1.39 -18.04 -10.64
C ARG A 232 -2.80 -17.80 -11.22
N ARG A 233 -2.90 -17.11 -12.38
CA ARG A 233 -4.16 -17.07 -13.12
C ARG A 233 -4.35 -18.41 -13.83
N THR A 234 -5.55 -18.96 -13.74
CA THR A 234 -5.84 -20.23 -14.42
C THR A 234 -5.87 -20.09 -15.96
N ASP A 235 -6.01 -18.86 -16.44
CA ASP A 235 -5.97 -18.62 -17.88
C ASP A 235 -4.54 -18.44 -18.41
N ARG A 236 -3.53 -18.67 -17.55
CA ARG A 236 -2.12 -18.68 -17.95
C ARG A 236 -1.48 -20.02 -17.57
N PRO A 237 -0.39 -20.41 -18.29
CA PRO A 237 0.39 -21.61 -17.89
C PRO A 237 1.03 -21.57 -16.49
N LEU A 238 1.01 -22.73 -15.82
CA LEU A 238 1.80 -22.95 -14.61
C LEU A 238 2.83 -24.02 -14.97
N ASP A 239 4.10 -23.63 -15.00
CA ASP A 239 5.16 -24.60 -15.20
C ASP A 239 5.45 -25.25 -13.87
N GLY A 240 6.22 -26.33 -13.88
CA GLY A 240 6.69 -26.88 -12.62
C GLY A 240 7.55 -25.83 -11.93
N PHE A 241 7.60 -25.92 -10.62
CA PHE A 241 8.38 -25.00 -9.82
C PHE A 241 9.34 -25.82 -8.95
N PRO A 242 10.51 -26.20 -9.53
CA PRO A 242 11.46 -27.08 -8.82
C PRO A 242 12.26 -26.42 -7.69
N TYR A 243 12.15 -25.09 -7.58
CA TYR A 243 13.10 -24.31 -6.80
C TYR A 243 12.93 -24.39 -5.29
N ALA A 244 11.75 -24.82 -4.86
CA ALA A 244 11.43 -24.97 -3.43
C ALA A 244 10.42 -26.10 -3.27
N ALA A 245 10.27 -26.62 -2.05
CA ALA A 245 9.41 -27.78 -1.81
C ALA A 245 7.95 -27.35 -1.73
N PRO A 246 7.02 -28.16 -2.27
CA PRO A 246 5.61 -27.77 -2.09
C PRO A 246 5.24 -27.77 -0.61
N ALA A 247 4.49 -26.75 -0.17
CA ALA A 247 4.09 -26.67 1.24
C ALA A 247 3.23 -27.85 1.62
N ALA A 248 3.52 -28.40 2.80
CA ALA A 248 2.77 -29.54 3.35
C ALA A 248 1.50 -29.12 4.10
N GLU A 249 1.53 -27.90 4.66
CA GLU A 249 0.43 -27.34 5.45
C GLU A 249 0.01 -25.98 4.89
N LYS A 250 -1.20 -25.54 5.26
CA LYS A 250 -1.59 -24.15 4.98
C LYS A 250 -0.64 -23.21 5.73
N MET A 251 -0.25 -22.11 5.09
CA MET A 251 0.75 -21.20 5.64
C MET A 251 0.21 -19.80 5.94
N HIS A 252 0.85 -19.15 6.92
CA HIS A 252 0.71 -17.72 7.22
C HIS A 252 2.05 -17.02 6.92
N PRO A 253 2.01 -15.78 6.36
CA PRO A 253 3.28 -14.98 6.22
C PRO A 253 4.17 -14.97 7.49
N VAL A 254 3.54 -14.93 8.67
CA VAL A 254 4.26 -14.86 9.94
C VAL A 254 4.17 -16.21 10.63
N PRO A 255 5.31 -16.91 10.75
CA PRO A 255 5.30 -18.21 11.43
C PRO A 255 4.68 -18.14 12.83
N GLY A 256 3.80 -19.08 13.11
CA GLY A 256 3.07 -19.13 14.36
C GLY A 256 1.69 -18.49 14.33
N MET A 257 1.46 -17.51 13.46
CA MET A 257 0.15 -16.87 13.34
C MET A 257 -0.86 -17.76 12.64
N PRO A 258 -2.17 -17.55 12.90
CA PRO A 258 -3.16 -18.53 12.41
C PRO A 258 -3.37 -18.52 10.88
N ALA A 259 -3.03 -19.62 10.22
CA ALA A 259 -3.22 -19.76 8.78
C ALA A 259 -4.71 -19.74 8.38
N VAL A 260 -5.62 -19.95 9.34
CA VAL A 260 -7.06 -19.80 9.05
C VAL A 260 -7.37 -18.38 8.53
N ASN A 261 -6.51 -17.43 8.90
CA ASN A 261 -6.71 -16.03 8.52
C ASN A 261 -6.46 -15.82 7.03
N CYS A 262 -5.73 -16.76 6.41
CA CYS A 262 -5.20 -16.55 5.08
C CYS A 262 -6.11 -17.12 3.98
N THR A 263 -5.91 -16.62 2.77
CA THR A 263 -6.62 -17.10 1.61
C THR A 263 -6.22 -18.55 1.25
N GLU A 264 -7.11 -19.24 0.56
CA GLU A 264 -6.95 -20.67 0.30
C GLU A 264 -5.71 -20.99 -0.54
N GLN A 265 -5.04 -22.09 -0.19
CA GLN A 265 -3.80 -22.50 -0.85
C GLN A 265 -4.00 -23.89 -1.51
N PHE A 266 -2.93 -24.69 -1.58
CA PHE A 266 -2.91 -25.99 -2.29
C PHE A 266 -3.43 -25.93 -3.72
N GLY A 267 -3.37 -24.73 -4.31
CA GLY A 267 -3.72 -24.58 -5.71
C GLY A 267 -5.20 -24.76 -6.06
N VAL A 268 -6.06 -24.70 -5.04
CA VAL A 268 -7.52 -24.79 -5.26
C VAL A 268 -7.99 -23.51 -5.97
N PRO A 269 -8.61 -23.65 -7.17
CA PRO A 269 -9.09 -22.47 -7.91
C PRO A 269 -10.18 -21.69 -7.16
N GLY A 270 -10.11 -20.37 -7.24
CA GLY A 270 -11.14 -19.50 -6.72
C GLY A 270 -11.04 -18.17 -7.45
N PRO A 271 -12.01 -17.29 -7.21
CA PRO A 271 -12.02 -15.98 -7.86
C PRO A 271 -10.82 -15.14 -7.47
N TRP A 272 -10.42 -14.28 -8.39
CA TRP A 272 -9.30 -13.34 -8.21
C TRP A 272 -9.26 -12.67 -6.82
N HIS A 273 -10.40 -12.14 -6.35
CA HIS A 273 -10.42 -11.36 -5.11
C HIS A 273 -10.31 -12.21 -3.83
N GLU A 274 -10.42 -13.53 -3.99
CA GLU A 274 -10.19 -14.47 -2.91
C GLU A 274 -8.81 -15.14 -2.98
N ARG A 275 -7.96 -14.66 -3.89
CA ARG A 275 -6.61 -15.23 -4.08
C ARG A 275 -5.51 -14.18 -4.08
N LEU A 276 -5.85 -12.97 -4.54
CA LEU A 276 -4.83 -11.92 -4.62
C LEU A 276 -4.40 -11.49 -3.19
N PRO A 277 -5.38 -11.21 -2.29
CA PRO A 277 -4.95 -10.92 -0.90
C PRO A 277 -4.33 -12.15 -0.27
N HIS A 278 -3.47 -11.94 0.72
CA HIS A 278 -3.01 -13.05 1.58
C HIS A 278 -4.04 -13.38 2.64
N PHE A 279 -4.96 -12.45 2.92
CA PHE A 279 -5.93 -12.59 4.01
C PHE A 279 -7.36 -12.62 3.53
N ARG A 280 -8.11 -13.61 4.03
CA ARG A 280 -9.51 -13.77 3.64
C ARG A 280 -10.39 -12.61 4.14
N ALA A 281 -11.44 -12.30 3.38
CA ALA A 281 -12.34 -11.19 3.74
C ALA A 281 -12.95 -11.38 5.15
N GLU A 282 -13.15 -12.64 5.52
CA GLU A 282 -13.79 -12.94 6.81
C GLU A 282 -12.92 -12.55 8.00
N PHE A 283 -11.63 -12.34 7.76
CA PHE A 283 -10.70 -12.01 8.82
C PHE A 283 -10.76 -10.49 9.04
N THR A 284 -11.29 -10.05 10.18
CA THR A 284 -11.61 -8.64 10.43
C THR A 284 -11.01 -8.10 11.74
N PRO A 285 -9.67 -7.97 11.81
CA PRO A 285 -8.99 -7.43 13.00
C PRO A 285 -9.22 -5.93 13.15
N SER A 286 -9.60 -5.48 14.34
CA SER A 286 -9.83 -4.05 14.55
C SER A 286 -8.53 -3.30 14.82
N SER A 287 -7.49 -4.05 15.17
CA SER A 287 -6.12 -3.55 15.31
C SER A 287 -5.11 -4.68 15.12
N GLY A 288 -3.83 -4.33 15.09
CA GLY A 288 -2.77 -5.32 14.92
C GLY A 288 -1.57 -4.92 15.76
N ALA A 289 -0.94 -5.90 16.38
CA ALA A 289 0.26 -5.61 17.17
C ALA A 289 1.51 -5.76 16.30
N GLU A 290 1.76 -4.76 15.46
CA GLU A 290 2.88 -4.78 14.52
C GLU A 290 3.29 -3.38 14.15
N LEU A 291 4.52 -3.27 13.66
CA LEU A 291 4.96 -2.07 12.91
C LEU A 291 5.35 -2.57 11.52
N GLN A 292 5.53 -1.65 10.59
CA GLN A 292 5.89 -2.02 9.21
C GLN A 292 6.86 -1.01 8.64
N SER A 293 7.78 -1.50 7.79
CA SER A 293 8.59 -0.66 6.90
C SER A 293 8.63 -1.38 5.55
N GLU A 294 8.80 -0.62 4.48
CA GLU A 294 9.02 -1.26 3.18
C GLU A 294 9.86 -0.33 2.31
N TYR A 295 10.75 -0.93 1.51
CA TYR A 295 11.70 -0.19 0.67
C TYR A 295 11.55 -0.66 -0.75
N LEU A 296 11.43 0.32 -1.65
CA LEU A 296 11.11 0.03 -3.04
C LEU A 296 12.26 0.56 -3.88
N MET A 297 12.84 -0.38 -4.65
CA MET A 297 14.09 -0.16 -5.36
C MET A 297 13.95 -0.55 -6.83
N PRO A 298 14.86 -0.08 -7.69
CA PRO A 298 14.93 -0.56 -9.06
C PRO A 298 15.07 -2.08 -9.06
N ARG A 299 14.23 -2.77 -9.85
CA ARG A 299 14.20 -4.23 -9.86
C ARG A 299 15.59 -4.84 -10.19
N GLU A 300 16.38 -4.12 -10.99
CA GLU A 300 17.73 -4.60 -11.32
C GLU A 300 18.66 -4.76 -10.11
N HIS A 301 18.33 -4.11 -9.00
CA HIS A 301 19.14 -4.19 -7.77
C HIS A 301 18.68 -5.27 -6.79
N ALA A 302 17.70 -6.08 -7.21
CA ALA A 302 17.11 -7.09 -6.31
C ALA A 302 18.15 -7.95 -5.60
N LEU A 303 19.00 -8.64 -6.36
CA LEU A 303 19.96 -9.55 -5.72
C LEU A 303 20.98 -8.81 -4.86
N ALA A 304 21.48 -7.68 -5.35
CA ALA A 304 22.45 -6.93 -4.55
C ALA A 304 21.83 -6.48 -3.22
N ALA A 305 20.59 -5.99 -3.27
CA ALA A 305 19.86 -5.57 -2.08
C ALA A 305 19.62 -6.76 -1.14
N LEU A 306 19.18 -7.89 -1.70
CA LEU A 306 18.94 -9.09 -0.91
C LEU A 306 20.23 -9.55 -0.23
N HIS A 307 21.34 -9.40 -0.94
CA HIS A 307 22.65 -9.76 -0.39
C HIS A 307 23.13 -8.81 0.72
N ALA A 308 22.81 -7.53 0.56
CA ALA A 308 23.06 -6.54 1.62
C ALA A 308 22.27 -6.92 2.88
N MET A 309 20.99 -7.25 2.72
CA MET A 309 20.16 -7.65 3.84
C MET A 309 20.65 -8.94 4.50
N ASP A 310 21.01 -9.92 3.67
CA ASP A 310 21.54 -11.18 4.18
C ASP A 310 22.76 -10.93 5.08
N ALA A 311 23.60 -9.97 4.68
CA ALA A 311 24.82 -9.66 5.44
C ALA A 311 24.53 -9.10 6.83
N ILE A 312 23.38 -8.44 6.99
CA ILE A 312 22.99 -7.92 8.30
C ILE A 312 21.80 -8.67 8.90
N ARG A 313 21.59 -9.91 8.48
CA ARG A 313 20.38 -10.63 8.86
C ARG A 313 20.25 -10.80 10.39
N GLU A 314 21.40 -10.93 11.07
CA GLU A 314 21.40 -11.05 12.55
C GLU A 314 20.88 -9.80 13.24
N THR A 315 21.03 -8.65 12.59
CA THR A 315 20.46 -7.40 13.06
C THR A 315 18.95 -7.31 12.81
N LEU A 316 18.50 -7.83 11.67
CA LEU A 316 17.07 -7.74 11.26
C LEU A 316 16.18 -8.70 12.04
N ALA A 317 16.66 -9.93 12.20
CA ALA A 317 15.83 -11.03 12.72
C ALA A 317 15.14 -10.81 14.09
N PRO A 318 15.87 -10.28 15.11
CA PRO A 318 15.33 -10.24 16.49
C PRO A 318 14.04 -9.44 16.64
N VAL A 319 13.84 -8.44 15.77
CA VAL A 319 12.67 -7.56 15.85
C VAL A 319 11.69 -7.82 14.70
N LEU A 320 11.88 -8.96 14.00
CA LEU A 320 11.11 -9.27 12.78
C LEU A 320 10.00 -10.32 12.97
N GLN A 321 8.80 -10.03 12.45
CA GLN A 321 7.73 -11.03 12.38
C GLN A 321 7.88 -11.75 11.04
N THR A 322 7.93 -10.97 9.95
CA THR A 322 8.23 -11.53 8.65
C THR A 322 8.69 -10.47 7.64
N CYS A 323 9.48 -10.89 6.67
CA CYS A 323 9.92 -10.03 5.59
C CYS A 323 9.30 -10.59 4.29
N GLU A 324 8.73 -9.71 3.46
CA GLU A 324 8.11 -10.15 2.20
C GLU A 324 8.78 -9.41 1.05
N ILE A 325 9.21 -10.17 0.03
CA ILE A 325 9.79 -9.59 -1.20
C ILE A 325 8.77 -9.66 -2.32
N ARG A 326 8.55 -8.52 -2.98
CA ARG A 326 7.56 -8.41 -4.05
C ARG A 326 8.11 -7.62 -5.24
N THR A 327 7.34 -7.62 -6.32
CA THR A 327 7.67 -6.82 -7.50
C THR A 327 6.52 -5.90 -7.83
N VAL A 328 6.84 -4.77 -8.48
CA VAL A 328 5.81 -3.81 -8.91
C VAL A 328 6.27 -3.25 -10.28
N ALA A 329 5.35 -3.16 -11.22
CA ALA A 329 5.63 -2.49 -12.52
C ALA A 329 5.79 -0.97 -12.32
N ALA A 330 6.67 -0.37 -13.13
CA ALA A 330 6.85 1.10 -13.16
C ALA A 330 5.53 1.88 -13.10
N ASP A 331 5.48 2.88 -12.22
CA ASP A 331 4.31 3.70 -11.95
C ASP A 331 4.44 5.08 -12.61
N ALA A 332 3.36 5.58 -13.21
CA ALA A 332 3.35 6.95 -13.74
C ALA A 332 3.18 8.00 -12.64
N GLN A 333 2.68 7.61 -11.46
CA GLN A 333 2.43 8.61 -10.41
C GLN A 333 3.76 9.14 -9.86
N TRP A 334 3.89 10.48 -9.87
CA TRP A 334 5.16 11.14 -9.54
C TRP A 334 5.69 10.78 -8.16
N LEU A 335 4.79 10.57 -7.19
CA LEU A 335 5.20 10.23 -5.83
C LEU A 335 5.13 8.75 -5.50
N SER A 336 4.82 7.90 -6.48
CA SER A 336 4.80 6.48 -6.18
C SER A 336 6.22 6.03 -5.87
N PRO A 337 6.40 5.24 -4.78
CA PRO A 337 7.75 4.68 -4.61
C PRO A 337 8.24 3.84 -5.81
N ALA A 338 7.30 3.37 -6.64
CA ALA A 338 7.62 2.66 -7.89
C ALA A 338 7.65 3.61 -9.11
N TYR A 339 7.71 4.92 -8.85
CA TYR A 339 7.71 5.86 -9.97
C TYR A 339 8.77 5.50 -11.03
N GLY A 340 8.34 5.42 -12.28
CA GLY A 340 9.24 5.46 -13.43
C GLY A 340 10.16 4.25 -13.63
N ARG A 341 10.02 3.22 -12.79
CA ARG A 341 10.98 2.11 -12.85
C ARG A 341 10.35 0.81 -12.33
N ASP A 342 10.57 -0.27 -13.06
CA ASP A 342 10.20 -1.60 -12.56
C ASP A 342 10.93 -1.80 -11.23
N THR A 343 10.19 -2.37 -10.29
CA THR A 343 10.52 -2.26 -8.87
C THR A 343 10.58 -3.61 -8.15
N VAL A 344 11.54 -3.72 -7.21
CA VAL A 344 11.54 -4.79 -6.22
C VAL A 344 11.26 -4.13 -4.86
N ALA A 345 10.39 -4.76 -4.08
CA ALA A 345 10.00 -4.20 -2.78
C ALA A 345 10.39 -5.16 -1.69
N ALA A 346 10.95 -4.63 -0.61
CA ALA A 346 11.30 -5.46 0.54
C ALA A 346 10.54 -4.91 1.76
N HIS A 347 9.54 -5.67 2.18
CA HIS A 347 8.65 -5.29 3.26
C HIS A 347 9.01 -6.01 4.55
N PHE A 348 8.94 -5.27 5.67
CA PHE A 348 9.23 -5.82 6.98
C PHE A 348 8.04 -5.60 7.93
N THR A 349 7.48 -6.69 8.44
CA THR A 349 6.47 -6.62 9.51
C THR A 349 7.23 -6.85 10.80
N TRP A 350 7.36 -5.79 11.59
CA TRP A 350 8.15 -5.81 12.82
C TRP A 350 7.27 -6.14 14.02
N VAL A 351 7.91 -6.65 15.07
CA VAL A 351 7.30 -6.62 16.41
C VAL A 351 6.94 -5.16 16.77
N GLU A 352 5.87 -4.98 17.55
CA GLU A 352 5.48 -3.62 17.91
C GLU A 352 6.28 -3.17 19.12
N ASP A 353 7.51 -2.74 18.84
CA ASP A 353 8.42 -2.25 19.86
C ASP A 353 9.21 -1.14 19.22
N THR A 354 8.66 0.07 19.25
CA THR A 354 9.23 1.20 18.52
C THR A 354 10.72 1.40 18.88
N ALA A 355 11.01 1.40 20.18
CA ALA A 355 12.40 1.67 20.62
C ALA A 355 13.39 0.63 20.10
N ALA A 356 12.96 -0.63 20.02
CA ALA A 356 13.84 -1.68 19.51
C ALA A 356 13.96 -1.63 17.99
N VAL A 357 12.85 -1.24 17.35
CA VAL A 357 12.76 -1.29 15.90
C VAL A 357 13.50 -0.13 15.21
N LEU A 358 13.37 1.07 15.76
CA LEU A 358 13.98 2.24 15.09
C LEU A 358 15.47 2.11 14.75
N PRO A 359 16.31 1.59 15.67
CA PRO A 359 17.74 1.43 15.32
C PRO A 359 18.00 0.44 14.17
N VAL A 360 17.15 -0.59 14.11
CA VAL A 360 17.23 -1.60 13.07
C VAL A 360 16.78 -1.00 11.73
N VAL A 361 15.69 -0.24 11.76
CA VAL A 361 15.23 0.51 10.56
C VAL A 361 16.36 1.38 10.00
N ARG A 362 17.02 2.14 10.87
CA ARG A 362 18.13 2.98 10.43
C ARG A 362 19.25 2.16 9.78
N ARG A 363 19.62 1.05 10.42
CA ARG A 363 20.68 0.19 9.89
C ARG A 363 20.31 -0.39 8.52
N LEU A 364 19.05 -0.81 8.40
CA LEU A 364 18.52 -1.35 7.16
C LEU A 364 18.55 -0.28 6.05
N GLU A 365 18.08 0.93 6.36
CA GLU A 365 18.13 2.05 5.41
C GLU A 365 19.56 2.36 4.94
N GLU A 366 20.52 2.36 5.87
CA GLU A 366 21.92 2.54 5.48
C GLU A 366 22.34 1.47 4.48
N ALA A 367 21.91 0.22 4.72
CA ALA A 367 22.29 -0.92 3.86
C ALA A 367 21.72 -0.80 2.45
N LEU A 368 20.59 -0.09 2.33
CA LEU A 368 19.88 0.04 1.05
C LEU A 368 20.15 1.33 0.28
N VAL A 369 20.88 2.27 0.89
CA VAL A 369 21.27 3.50 0.17
C VAL A 369 21.93 3.26 -1.21
N PRO A 370 22.81 2.25 -1.33
CA PRO A 370 23.42 2.06 -2.65
C PRO A 370 22.41 1.67 -3.75
N PHE A 371 21.18 1.34 -3.38
CA PHE A 371 20.19 0.78 -4.32
C PHE A 371 18.99 1.71 -4.53
N ALA A 372 19.18 2.97 -4.12
CA ALA A 372 18.21 4.04 -4.41
C ALA A 372 16.83 3.69 -3.83
N ALA A 373 16.83 3.13 -2.62
CA ALA A 373 15.59 2.69 -1.98
C ALA A 373 14.68 3.85 -1.56
N ARG A 374 13.43 3.79 -2.01
CA ARG A 374 12.39 4.74 -1.60
C ARG A 374 11.46 4.05 -0.58
N PRO A 375 11.24 4.68 0.60
CA PRO A 375 10.36 4.04 1.58
C PRO A 375 8.88 4.15 1.19
N HIS A 376 8.11 3.15 1.56
CA HIS A 376 6.66 3.22 1.45
C HIS A 376 6.16 4.37 2.35
N TRP A 377 5.44 5.31 1.74
CA TRP A 377 4.97 6.51 2.47
C TRP A 377 4.04 6.18 3.65
N GLY A 378 3.36 5.04 3.62
CA GLY A 378 2.49 4.71 4.74
C GLY A 378 3.18 3.95 5.88
N LYS A 379 4.49 3.69 5.73
CA LYS A 379 5.14 2.81 6.72
C LYS A 379 6.23 3.55 7.51
N VAL A 380 6.83 2.84 8.48
CA VAL A 380 7.88 3.45 9.31
C VAL A 380 9.16 3.63 8.47
N PHE A 381 9.67 4.84 8.46
CA PHE A 381 11.01 5.08 7.85
C PHE A 381 11.68 6.26 8.54
N THR A 382 13.01 6.31 8.43
CA THR A 382 13.81 7.38 9.06
C THR A 382 14.75 8.06 8.06
N VAL A 383 14.48 7.88 6.76
CA VAL A 383 15.29 8.52 5.72
C VAL A 383 15.18 10.04 5.89
N PRO A 384 16.33 10.74 6.06
CA PRO A 384 16.29 12.20 6.23
C PRO A 384 15.55 12.90 5.09
N ALA A 385 14.83 13.97 5.43
CA ALA A 385 13.98 14.68 4.47
C ALA A 385 14.68 15.07 3.16
N GLY A 386 15.86 15.69 3.23
CA GLY A 386 16.57 16.13 2.00
C GLY A 386 17.00 14.96 1.11
N GLU A 387 17.47 13.89 1.74
CA GLU A 387 17.89 12.70 1.05
C GLU A 387 16.68 12.05 0.36
N LEU A 388 15.55 12.10 1.05
CA LEU A 388 14.29 11.57 0.53
C LEU A 388 13.78 12.34 -0.70
N ARG A 389 13.81 13.68 -0.62
CA ARG A 389 13.43 14.54 -1.75
C ARG A 389 14.23 14.26 -3.01
N ALA A 390 15.51 13.93 -2.84
CA ALA A 390 16.41 13.65 -3.95
C ALA A 390 16.05 12.39 -4.75
N LEU A 391 15.22 11.52 -4.17
CA LEU A 391 14.88 10.23 -4.77
C LEU A 391 13.68 10.29 -5.73
N TYR A 392 13.06 11.47 -5.83
CA TYR A 392 11.85 11.64 -6.63
C TYR A 392 12.02 12.66 -7.75
N PRO A 393 12.25 12.18 -9.00
CA PRO A 393 12.54 13.05 -10.16
C PRO A 393 11.51 14.17 -10.38
N ARG A 394 10.23 13.88 -10.14
CA ARG A 394 9.18 14.84 -10.46
C ARG A 394 8.58 15.52 -9.21
N LEU A 395 9.38 15.54 -8.15
CA LEU A 395 8.94 16.18 -6.89
C LEU A 395 8.59 17.67 -7.07
N ALA A 396 9.42 18.41 -7.82
CA ALA A 396 9.15 19.84 -8.04
C ALA A 396 7.82 20.01 -8.78
N ASP A 397 7.55 19.13 -9.75
CA ASP A 397 6.28 19.17 -10.49
C ASP A 397 5.12 18.95 -9.51
N PHE A 398 5.30 17.97 -8.63
CA PHE A 398 4.29 17.73 -7.60
C PHE A 398 4.06 18.97 -6.72
N GLY A 399 5.14 19.58 -6.23
CA GLY A 399 5.00 20.76 -5.37
C GLY A 399 4.28 21.90 -6.07
N ALA A 400 4.55 22.06 -7.38
CA ALA A 400 3.86 23.08 -8.19
C ALA A 400 2.36 22.78 -8.24
N LEU A 401 2.01 21.52 -8.41
CA LEU A 401 0.61 21.10 -8.45
C LEU A 401 -0.11 21.36 -7.10
N ALA A 402 0.53 20.95 -6.03
CA ALA A 402 0.01 21.19 -4.66
C ALA A 402 -0.17 22.69 -4.44
N GLY A 403 0.82 23.48 -4.87
CA GLY A 403 0.74 24.94 -4.75
C GLY A 403 -0.42 25.55 -5.51
N ALA A 404 -0.72 24.97 -6.68
CA ALA A 404 -1.80 25.47 -7.51
C ALA A 404 -3.16 25.14 -6.90
N LEU A 405 -3.32 23.89 -6.45
CA LEU A 405 -4.61 23.43 -5.92
C LEU A 405 -4.87 23.84 -4.47
N ASP A 406 -3.79 24.10 -3.73
CA ASP A 406 -3.86 24.37 -2.30
C ASP A 406 -2.78 25.40 -1.94
N PRO A 407 -2.95 26.66 -2.41
CA PRO A 407 -1.87 27.65 -2.23
C PRO A 407 -1.43 27.89 -0.78
N ALA A 408 -2.37 27.82 0.16
CA ALA A 408 -2.04 28.04 1.58
C ALA A 408 -1.53 26.77 2.30
N GLY A 409 -1.51 25.64 1.58
CA GLY A 409 -1.10 24.38 2.20
C GLY A 409 -2.03 23.91 3.32
N LYS A 410 -3.33 24.13 3.14
CA LYS A 410 -4.32 23.60 4.09
C LYS A 410 -4.11 22.08 4.37
N PHE A 411 -3.81 21.34 3.31
CA PHE A 411 -3.63 19.88 3.39
C PHE A 411 -2.18 19.41 3.57
N THR A 412 -1.28 20.36 3.75
CA THR A 412 0.11 20.07 4.04
C THR A 412 0.35 20.00 5.56
N ASN A 413 0.66 18.83 6.09
CA ASN A 413 1.05 18.69 7.53
C ASN A 413 2.58 18.57 7.64
N ALA A 414 3.08 18.28 8.85
CA ALA A 414 4.54 18.22 9.05
C ALA A 414 5.15 17.16 8.12
N PHE A 415 4.47 16.02 8.02
CA PHE A 415 4.93 14.90 7.17
C PHE A 415 5.11 15.38 5.72
N VAL A 416 4.06 15.95 5.14
CA VAL A 416 4.10 16.44 3.77
C VAL A 416 5.06 17.62 3.59
N ARG A 417 5.13 18.47 4.61
CA ARG A 417 5.97 19.68 4.53
C ARG A 417 7.44 19.29 4.27
N GLY A 418 7.88 18.22 4.93
CA GLY A 418 9.24 17.68 4.75
C GLY A 418 9.52 17.23 3.31
N VAL A 419 8.48 16.75 2.64
CA VAL A 419 8.54 16.33 1.23
C VAL A 419 8.51 17.53 0.25
N LEU A 420 7.72 18.55 0.59
CA LEU A 420 7.55 19.71 -0.28
C LEU A 420 8.63 20.80 -0.08
N ALA A 421 9.57 20.55 0.84
CA ALA A 421 10.57 21.57 1.22
C ALA A 421 11.61 21.81 0.12
#